data_2PO1
#
_entry.id   2PO1
#
_cell.length_a   93.555
_cell.length_b   93.555
_cell.length_c   125.951
_cell.angle_alpha   90.00
_cell.angle_beta   90.00
_cell.angle_gamma   120.00
#
_symmetry.space_group_name_H-M   'P 3 2 1'
#
loop_
_entity.id
_entity.type
_entity.pdbx_description
1 polymer '10-mer poly(A)'
2 polymer 'Probable exosome complex exonuclease 1'
3 polymer 'Probable exosome complex exonuclease 2'
4 non-polymer (4S)-2-METHYL-2,4-PENTANEDIOL
5 water water
#
loop_
_entity_poly.entity_id
_entity_poly.type
_entity_poly.pdbx_seq_one_letter_code
_entity_poly.pdbx_strand_id
1 'polyribonucleotide' AAAAAAAAAA C
2 'polypeptide(L)'
;MMEKPEGLKLIDENGRRIDGRKKYELRPIKMEVGVLKNANGSAYIEWGKNKIIAAVYGPRELHPKHLQRPDRAILRVRYN
MAPFSVEERKKPGPDRRSIEISKVIKGALEPALILEMFPRTAIDVFIEVLQADAGTRVAGITAASLALADAGIPMRDLVA
ACAAGKIEGEIVLDLNKEEDNYGEADVPVAIMPLKNDITLLQMDGYLTKDEFIEAVKLAIKGAKAVYQKQREALKEKYLK
IAQEVEGSE
;
A
3 'polypeptide(L)'
;GSHMSDNEIVAGIMRDHIINLLKEGKRIDDRGFEDYRPIEIEVGVIEKAEGSALVKLGSTQVLVGIKTSLGEPFPDTPNM
GVMTTNVELVPLASPTFEPGPPDERAIELARVIDRGIRESKALNLEKMVIVPGKIVRVVFIDVHVLDHDGNLMDAIGIAA
IAALLNARVPKVRYNEETGEVETLDETEPLPVEKIPVPVTFAKIGNILVVDPSLDEELVMDGKITITTDETGHISAVQKS
EGGAFKLEEVMYAVETAFKKAEEIRKLILEAVEKAKQ
;
B
#
loop_
_chem_comp.id
_chem_comp.type
_chem_comp.name
_chem_comp.formula
A RNA linking ADENOSINE-5'-MONOPHOSPHATE 'C10 H14 N5 O7 P'
MPD non-polymer (4S)-2-METHYL-2,4-PENTANEDIOL 'C6 H14 O2'
#
# COMPACT_ATOMS: atom_id res chain seq x y z
N LYS B 9 -10.25 28.60 8.35
CA LYS B 9 -10.60 29.88 7.66
C LYS B 9 -9.38 30.82 7.65
N LEU B 10 -9.10 31.49 6.51
CA LEU B 10 -9.93 31.47 5.31
C LEU B 10 -9.40 30.47 4.25
N ILE B 11 -10.25 29.54 3.83
CA ILE B 11 -9.89 28.56 2.78
C ILE B 11 -9.78 29.22 1.38
N ASP B 12 -10.46 30.36 1.21
CA ASP B 12 -10.34 31.27 0.07
C ASP B 12 -9.86 32.62 0.57
N GLU B 13 -8.61 32.98 0.29
CA GLU B 13 -8.14 34.33 0.56
C GLU B 13 -8.67 35.17 -0.56
N ASN B 14 -7.75 35.57 -1.41
CA ASN B 14 -8.04 36.61 -2.37
C ASN B 14 -7.20 36.56 -3.65
N GLY B 15 -7.55 35.66 -4.58
CA GLY B 15 -8.60 34.63 -4.40
C GLY B 15 -7.98 33.25 -4.32
N ARG B 16 -7.04 33.08 -3.41
CA ARG B 16 -6.15 31.93 -3.40
C ARG B 16 -6.46 31.01 -2.25
N ARG B 17 -6.19 29.74 -2.49
CA ARG B 17 -6.49 28.73 -1.52
C ARG B 17 -5.26 28.47 -0.68
N ILE B 18 -5.42 27.65 0.35
CA ILE B 18 -4.36 27.50 1.35
C ILE B 18 -3.03 27.04 0.78
N ASP B 19 -3.06 26.22 -0.27
CA ASP B 19 -1.86 25.76 -0.97
C ASP B 19 -1.51 26.66 -2.15
N GLY B 20 -2.24 27.77 -2.26
CA GLY B 20 -2.02 28.75 -3.32
C GLY B 20 -2.80 28.44 -4.59
N ARG B 21 -3.60 27.36 -4.62
CA ARG B 21 -4.38 27.07 -5.86
C ARG B 21 -5.46 28.11 -6.04
N LYS B 22 -5.76 28.43 -7.30
CA LYS B 22 -6.88 29.34 -7.61
C LYS B 22 -8.12 28.49 -7.49
N LYS B 23 -9.30 29.10 -7.62
CA LYS B 23 -10.56 28.33 -7.46
C LYS B 23 -10.73 27.15 -8.43
N TYR B 24 -10.16 27.25 -9.61
CA TYR B 24 -10.38 26.26 -10.64
C TYR B 24 -9.12 25.58 -11.02
N GLU B 25 -8.23 25.50 -10.06
CA GLU B 25 -6.98 24.83 -10.25
C GLU B 25 -6.97 23.44 -9.60
N LEU B 26 -6.35 22.49 -10.30
CA LEU B 26 -6.25 21.14 -9.76
C LEU B 26 -4.97 21.03 -8.98
N ARG B 27 -4.94 20.09 -8.06
CA ARG B 27 -3.74 19.78 -7.33
C ARG B 27 -2.79 19.13 -8.31
N PRO B 28 -1.52 19.00 -7.95
CA PRO B 28 -0.60 18.34 -8.88
C PRO B 28 -0.96 16.86 -9.03
N ILE B 29 -1.02 16.37 -10.27
CA ILE B 29 -1.46 15.00 -10.53
C ILE B 29 -0.39 14.32 -11.35
N LYS B 30 0.04 13.15 -10.88
CA LYS B 30 0.96 12.31 -11.65
C LYS B 30 0.29 10.95 -11.75
N MET B 31 0.35 10.34 -12.92
CA MET B 31 -0.20 8.99 -13.07
C MET B 31 0.66 8.16 -13.98
N GLU B 32 0.69 6.87 -13.70
CA GLU B 32 1.59 5.97 -14.35
C GLU B 32 0.86 4.66 -14.40
N VAL B 33 1.08 3.96 -15.49
CA VAL B 33 0.38 2.72 -15.73
C VAL B 33 1.41 1.59 -15.71
N GLY B 34 0.98 0.42 -15.28
CA GLY B 34 1.85 -0.74 -15.32
C GLY B 34 2.87 -0.69 -14.21
N VAL B 35 2.41 -0.74 -12.98
CA VAL B 35 3.29 -0.56 -11.84
C VAL B 35 3.33 -1.82 -11.00
N LEU B 36 2.49 -2.80 -11.35
CA LEU B 36 2.39 -4.04 -10.61
C LEU B 36 2.68 -5.21 -11.57
N LYS B 37 3.28 -6.28 -11.06
CA LYS B 37 3.66 -7.46 -11.82
C LYS B 37 2.51 -8.47 -11.82
N ASN B 38 1.87 -8.65 -10.67
CA ASN B 38 0.80 -9.62 -10.54
C ASN B 38 -0.48 -9.18 -11.25
N ALA B 39 -0.90 -7.96 -11.03
CA ALA B 39 -2.17 -7.51 -11.60
C ALA B 39 -2.15 -7.55 -13.13
N ASN B 40 -3.32 -7.79 -13.73
CA ASN B 40 -3.40 -7.72 -15.21
C ASN B 40 -3.22 -6.31 -15.71
N GLY B 41 -3.62 -5.34 -14.92
CA GLY B 41 -3.35 -3.97 -15.33
C GLY B 41 -3.23 -3.17 -14.05
N SER B 42 -2.52 -2.07 -14.10
CA SER B 42 -2.32 -1.33 -12.84
C SER B 42 -2.01 0.08 -13.17
N ALA B 43 -2.32 0.96 -12.22
CA ALA B 43 -2.03 2.39 -12.45
C ALA B 43 -1.74 2.92 -11.08
N TYR B 44 -0.89 3.91 -11.04
CA TYR B 44 -0.61 4.57 -9.80
C TYR B 44 -0.90 6.02 -10.01
N ILE B 45 -1.53 6.62 -9.03
CA ILE B 45 -1.85 8.05 -9.16
C ILE B 45 -1.43 8.81 -7.89
N GLU B 46 -0.82 9.96 -8.07
CA GLU B 46 -0.49 10.87 -7.00
C GLU B 46 -1.25 12.07 -7.42
N TRP B 47 -2.28 12.35 -6.65
CA TRP B 47 -3.17 13.45 -6.94
C TRP B 47 -3.25 14.31 -5.68
N GLY B 48 -2.53 15.42 -5.70
CA GLY B 48 -2.27 16.15 -4.46
C GLY B 48 -1.49 15.22 -3.56
N LYS B 49 -1.97 15.12 -2.32
CA LYS B 49 -1.41 14.19 -1.33
C LYS B 49 -2.02 12.79 -1.37
N ASN B 50 -2.95 12.56 -2.27
CA ASN B 50 -3.44 11.20 -2.56
C ASN B 50 -2.36 10.42 -3.26
N LYS B 51 -2.17 9.20 -2.80
CA LYS B 51 -1.30 8.27 -3.43
C LYS B 51 -2.14 7.05 -3.53
N ILE B 52 -2.46 6.67 -4.76
CA ILE B 52 -3.43 5.60 -4.91
C ILE B 52 -2.97 4.65 -5.98
N ILE B 53 -3.10 3.36 -5.68
CA ILE B 53 -2.78 2.35 -6.64
C ILE B 53 -4.04 1.59 -7.01
N ALA B 54 -4.20 1.32 -8.30
CA ALA B 54 -5.33 0.56 -8.81
C ALA B 54 -4.77 -0.65 -9.52
N ALA B 55 -5.37 -1.79 -9.29
CA ALA B 55 -5.03 -3.02 -10.02
C ALA B 55 -6.27 -3.61 -10.62
N VAL B 56 -6.11 -4.33 -11.74
CA VAL B 56 -7.16 -5.08 -12.38
C VAL B 56 -6.73 -6.52 -12.58
N TYR B 57 -7.62 -7.45 -12.25
CA TYR B 57 -7.58 -8.86 -12.62
C TYR B 57 -8.95 -9.23 -13.29
N GLY B 58 -9.16 -9.91 -14.43
CA GLY B 58 -8.33 -10.18 -15.51
C GLY B 58 -8.91 -9.54 -16.76
N PRO B 59 -10.01 -10.07 -17.38
CA PRO B 59 -11.15 -10.96 -17.04
C PRO B 59 -10.74 -12.32 -16.63
N ARG B 60 -11.30 -12.83 -15.53
CA ARG B 60 -10.88 -14.09 -15.03
C ARG B 60 -12.03 -14.98 -14.62
N GLU B 61 -11.70 -16.25 -14.42
CA GLU B 61 -12.70 -17.24 -14.01
C GLU B 61 -13.40 -16.74 -12.79
N LEU B 62 -14.72 -16.79 -12.82
CA LEU B 62 -15.51 -16.33 -11.70
C LEU B 62 -16.07 -17.57 -11.01
N HIS B 63 -15.54 -17.81 -9.82
CA HIS B 63 -16.02 -18.84 -8.88
C HIS B 63 -16.25 -18.07 -7.60
N PRO B 64 -17.41 -18.27 -6.93
CA PRO B 64 -18.51 -19.23 -7.17
C PRO B 64 -19.24 -19.05 -8.49
N LYS B 65 -19.47 -20.15 -9.19
CA LYS B 65 -20.16 -20.11 -10.47
C LYS B 65 -21.48 -19.33 -10.39
N HIS B 66 -22.28 -19.57 -9.36
CA HIS B 66 -23.60 -18.93 -9.23
C HIS B 66 -23.59 -17.44 -9.57
N LEU B 67 -22.44 -16.82 -9.28
CA LEU B 67 -22.20 -15.41 -9.49
C LEU B 67 -22.03 -15.04 -10.96
N GLN B 68 -21.69 -16.04 -11.78
CA GLN B 68 -21.43 -15.81 -13.19
C GLN B 68 -22.67 -15.33 -13.90
N ARG B 69 -22.47 -14.37 -14.79
CA ARG B 69 -23.52 -14.01 -15.74
C ARG B 69 -23.22 -14.61 -17.12
N PRO B 70 -24.26 -15.19 -17.77
CA PRO B 70 -24.07 -15.97 -18.98
C PRO B 70 -23.71 -15.12 -20.20
N ASP B 71 -24.12 -13.87 -20.17
CA ASP B 71 -23.98 -12.97 -21.30
C ASP B 71 -22.81 -11.99 -21.15
N ARG B 72 -22.28 -11.87 -19.93
CA ARG B 72 -21.34 -10.80 -19.67
C ARG B 72 -20.42 -11.06 -18.48
N ALA B 73 -19.30 -10.36 -18.50
CA ALA B 73 -18.42 -10.30 -17.34
C ALA B 73 -19.13 -9.50 -16.26
N ILE B 74 -18.76 -9.73 -15.01
CA ILE B 74 -19.13 -8.80 -13.93
C ILE B 74 -17.91 -8.00 -13.55
N LEU B 75 -18.17 -6.78 -13.10
CA LEU B 75 -17.14 -5.94 -12.59
C LEU B 75 -17.30 -5.99 -11.10
N ARG B 76 -16.19 -6.18 -10.38
CA ARG B 76 -16.20 -6.07 -8.94
C ARG B 76 -15.13 -5.06 -8.60
N VAL B 77 -15.48 -4.17 -7.65
CA VAL B 77 -14.58 -3.11 -7.19
C VAL B 77 -14.39 -3.22 -5.69
N ARG B 78 -13.17 -3.10 -5.27
CA ARG B 78 -12.91 -2.91 -3.85
C ARG B 78 -11.99 -1.70 -3.73
N TYR B 79 -12.50 -0.71 -3.03
CA TYR B 79 -11.75 0.44 -2.62
C TYR B 79 -11.40 0.24 -1.15
N ASN B 80 -10.16 0.55 -0.83
CA ASN B 80 -9.65 0.24 0.47
C ASN B 80 -8.64 1.30 0.77
N MET B 81 -8.66 1.75 2.03
CA MET B 81 -7.60 2.63 2.52
C MET B 81 -6.63 1.91 3.39
N ALA B 82 -5.34 2.07 3.15
CA ALA B 82 -4.36 1.46 4.03
C ALA B 82 -4.43 2.18 5.42
N PRO B 83 -4.08 1.44 6.49
CA PRO B 83 -4.19 2.01 7.82
C PRO B 83 -3.42 3.32 7.97
N PHE B 84 -2.31 3.45 7.28
CA PHE B 84 -1.45 4.56 7.48
C PHE B 84 -1.77 5.63 6.47
N SER B 85 -2.88 5.53 5.75
CA SER B 85 -3.20 6.52 4.68
C SER B 85 -3.88 7.80 5.14
N VAL B 86 -4.32 7.77 6.38
CA VAL B 86 -5.10 8.87 6.92
C VAL B 86 -4.41 9.38 8.16
N GLU B 87 -4.78 10.56 8.65
CA GLU B 87 -4.11 11.12 9.81
C GLU B 87 -4.24 10.24 11.04
N GLU B 88 -5.47 9.85 11.36
CA GLU B 88 -5.70 8.90 12.42
C GLU B 88 -5.66 7.51 11.79
N ARG B 89 -4.71 6.69 12.22
CA ARG B 89 -4.63 5.33 11.71
C ARG B 89 -5.98 4.66 11.62
N LYS B 90 -6.25 4.10 10.44
CA LYS B 90 -7.53 3.50 10.12
C LYS B 90 -7.35 2.01 10.32
N LYS B 91 -8.20 1.47 11.18
CA LYS B 91 -8.26 0.07 11.44
C LYS B 91 -8.40 -0.66 10.10
N PRO B 92 -7.59 -1.66 9.81
CA PRO B 92 -7.91 -2.30 8.55
C PRO B 92 -9.26 -3.01 8.62
N GLY B 93 -9.89 -3.17 7.48
CA GLY B 93 -11.27 -3.64 7.45
C GLY B 93 -11.99 -2.75 6.46
N PRO B 94 -12.97 -3.29 5.74
CA PRO B 94 -13.70 -2.15 5.16
C PRO B 94 -14.74 -1.61 6.13
N ASP B 95 -15.29 -0.51 5.71
CA ASP B 95 -16.16 0.25 6.52
C ASP B 95 -17.22 0.76 5.60
N ARG B 96 -18.30 1.26 6.19
CA ARG B 96 -19.42 1.65 5.40
C ARG B 96 -19.01 2.53 4.31
N ARG B 97 -18.21 3.53 4.61
CA ARG B 97 -17.74 4.46 3.56
CA ARG B 97 -17.76 4.44 3.57
C ARG B 97 -16.99 3.75 2.46
N SER B 98 -16.07 2.81 2.78
CA SER B 98 -15.26 2.26 1.70
CA SER B 98 -15.26 2.25 1.69
C SER B 98 -16.12 1.32 0.84
N ILE B 99 -17.14 0.75 1.44
CA ILE B 99 -18.04 -0.14 0.75
C ILE B 99 -18.89 0.73 -0.17
N GLU B 100 -19.37 1.87 0.31
CA GLU B 100 -20.19 2.68 -0.59
C GLU B 100 -19.35 3.20 -1.69
N ILE B 101 -18.13 3.64 -1.40
CA ILE B 101 -17.25 4.15 -2.47
C ILE B 101 -17.00 3.03 -3.47
N SER B 102 -16.77 1.80 -3.02
CA SER B 102 -16.53 0.68 -3.94
C SER B 102 -17.74 0.52 -4.87
N LYS B 103 -18.94 0.64 -4.30
CA LYS B 103 -20.16 0.54 -5.06
C LYS B 103 -20.25 1.59 -6.14
N VAL B 104 -20.02 2.86 -5.80
CA VAL B 104 -20.18 3.93 -6.80
C VAL B 104 -19.03 3.92 -7.73
N ILE B 105 -17.88 3.37 -7.31
CA ILE B 105 -16.78 3.33 -8.28
C ILE B 105 -17.11 2.20 -9.31
N LYS B 106 -17.62 1.07 -8.86
CA LYS B 106 -18.07 0.07 -9.80
C LYS B 106 -19.08 0.72 -10.77
N GLY B 107 -20.05 1.47 -10.22
CA GLY B 107 -21.11 2.03 -11.04
C GLY B 107 -20.54 3.09 -11.93
N ALA B 108 -19.33 3.58 -11.58
CA ALA B 108 -18.60 4.58 -12.40
C ALA B 108 -17.88 3.94 -13.57
N LEU B 109 -17.35 2.74 -13.33
CA LEU B 109 -16.55 2.03 -14.33
C LEU B 109 -17.34 1.13 -15.26
N GLU B 110 -18.38 0.51 -14.74
CA GLU B 110 -19.15 -0.45 -15.46
C GLU B 110 -19.60 0.03 -16.85
N PRO B 111 -20.18 1.25 -16.93
CA PRO B 111 -20.61 1.69 -18.24
C PRO B 111 -19.48 1.86 -19.26
N ALA B 112 -18.24 2.01 -18.81
CA ALA B 112 -17.17 2.17 -19.77
C ALA B 112 -16.80 0.83 -20.33
N LEU B 113 -17.26 -0.23 -19.68
CA LEU B 113 -16.75 -1.58 -19.98
C LEU B 113 -17.67 -2.32 -20.93
N ILE B 114 -17.09 -3.02 -21.90
CA ILE B 114 -17.89 -3.84 -22.80
C ILE B 114 -17.93 -5.23 -22.20
N LEU B 115 -18.80 -5.38 -21.21
CA LEU B 115 -18.78 -6.56 -20.35
C LEU B 115 -19.21 -7.82 -21.09
N GLU B 116 -20.04 -7.70 -22.13
CA GLU B 116 -20.49 -8.90 -22.86
C GLU B 116 -19.37 -9.51 -23.66
N MET B 117 -18.21 -8.86 -23.73
CA MET B 117 -17.07 -9.46 -24.40
C MET B 117 -16.49 -10.66 -23.70
N PHE B 118 -16.77 -10.80 -22.41
CA PHE B 118 -16.17 -11.88 -21.65
C PHE B 118 -17.21 -12.51 -20.75
N PRO B 119 -18.18 -13.23 -21.35
CA PRO B 119 -19.24 -13.86 -20.57
C PRO B 119 -18.70 -14.75 -19.45
N ARG B 120 -19.41 -14.80 -18.33
CA ARG B 120 -19.13 -15.72 -17.22
C ARG B 120 -17.89 -15.37 -16.43
N THR B 121 -17.22 -14.26 -16.76
CA THR B 121 -15.98 -13.89 -16.09
C THR B 121 -16.16 -12.75 -15.08
N ALA B 122 -15.13 -12.53 -14.28
CA ALA B 122 -15.06 -11.38 -13.40
C ALA B 122 -13.98 -10.44 -13.90
N ILE B 123 -14.23 -9.15 -13.84
CA ILE B 123 -13.14 -8.18 -13.93
C ILE B 123 -13.05 -7.55 -12.51
N ASP B 124 -11.95 -7.77 -11.81
CA ASP B 124 -11.82 -7.30 -10.45
C ASP B 124 -10.91 -6.10 -10.43
N VAL B 125 -11.46 -5.00 -9.92
CA VAL B 125 -10.77 -3.77 -9.76
C VAL B 125 -10.51 -3.53 -8.28
N PHE B 126 -9.29 -3.17 -7.98
CA PHE B 126 -8.85 -2.96 -6.65
C PHE B 126 -8.27 -1.58 -6.56
N ILE B 127 -8.78 -0.78 -5.64
CA ILE B 127 -8.16 0.52 -5.43
C ILE B 127 -7.63 0.61 -4.04
N GLU B 128 -6.30 0.67 -3.88
CA GLU B 128 -5.70 0.84 -2.58
C GLU B 128 -5.27 2.26 -2.35
N VAL B 129 -5.87 2.90 -1.35
N VAL B 129 -5.80 2.84 -1.27
CA VAL B 129 -5.43 4.28 -1.06
CA VAL B 129 -5.41 4.19 -0.91
C VAL B 129 -4.30 4.25 -0.02
C VAL B 129 -4.23 4.07 -0.01
N LEU B 130 -3.11 4.64 -0.49
CA LEU B 130 -1.90 4.57 0.28
C LEU B 130 -1.73 5.86 1.11
N GLN B 131 -2.22 6.98 0.57
CA GLN B 131 -2.30 8.20 1.34
C GLN B 131 -3.52 8.91 0.82
N ALA B 132 -4.30 9.44 1.75
CA ALA B 132 -5.63 10.00 1.42
C ALA B 132 -5.58 11.48 1.69
N ASP B 133 -6.25 12.27 0.86
CA ASP B 133 -6.27 13.67 1.16
C ASP B 133 -7.40 14.37 0.46
N ALA B 134 -8.57 13.75 0.51
CA ALA B 134 -9.75 14.23 -0.22
C ALA B 134 -9.62 14.00 -1.71
N GLY B 135 -10.72 13.59 -2.29
CA GLY B 135 -10.71 13.14 -3.66
C GLY B 135 -10.15 11.77 -3.94
N THR B 136 -10.15 10.87 -2.96
CA THR B 136 -9.61 9.56 -3.24
C THR B 136 -10.49 8.77 -4.19
N ARG B 137 -11.79 8.99 -4.15
CA ARG B 137 -12.64 8.21 -4.98
C ARG B 137 -12.48 8.64 -6.43
N VAL B 138 -12.36 9.94 -6.70
CA VAL B 138 -12.25 10.35 -8.07
C VAL B 138 -10.87 10.05 -8.59
N ALA B 139 -9.88 10.15 -7.72
CA ALA B 139 -8.53 9.79 -8.15
C ALA B 139 -8.46 8.26 -8.31
N GLY B 140 -9.20 7.51 -7.48
CA GLY B 140 -9.29 6.06 -7.60
C GLY B 140 -9.94 5.65 -8.92
N ILE B 141 -11.06 6.29 -9.28
CA ILE B 141 -11.74 5.91 -10.51
C ILE B 141 -10.74 6.21 -11.64
N THR B 142 -10.04 7.33 -11.54
CA THR B 142 -9.14 7.75 -12.62
C THR B 142 -8.04 6.72 -12.79
N ALA B 143 -7.47 6.24 -11.69
CA ALA B 143 -6.37 5.26 -11.81
C ALA B 143 -7.00 3.94 -12.23
N ALA B 144 -8.25 3.69 -11.79
CA ALA B 144 -8.93 2.43 -12.13
C ALA B 144 -9.09 2.26 -13.67
N SER B 145 -9.56 3.32 -14.34
CA SER B 145 -9.68 3.38 -15.80
C SER B 145 -8.37 3.09 -16.42
N LEU B 146 -7.33 3.70 -15.90
CA LEU B 146 -6.02 3.50 -16.46
C LEU B 146 -5.67 2.05 -16.27
N ALA B 147 -6.05 1.45 -15.12
CA ALA B 147 -5.63 0.09 -14.88
C ALA B 147 -6.44 -0.85 -15.79
N LEU B 148 -7.68 -0.48 -16.07
CA LEU B 148 -8.49 -1.29 -16.93
C LEU B 148 -7.90 -1.22 -18.31
N ALA B 149 -7.62 -0.02 -18.79
CA ALA B 149 -6.96 0.11 -20.09
C ALA B 149 -5.63 -0.60 -20.06
N ASP B 150 -4.87 -0.44 -18.99
CA ASP B 150 -3.57 -1.14 -18.89
C ASP B 150 -3.72 -2.68 -19.00
N ALA B 151 -4.90 -3.17 -18.64
CA ALA B 151 -5.16 -4.61 -18.63
C ALA B 151 -5.56 -5.11 -20.02
N GLY B 152 -5.59 -4.20 -20.99
CA GLY B 152 -6.13 -4.48 -22.33
C GLY B 152 -7.62 -4.77 -22.30
N ILE B 153 -8.35 -4.16 -21.38
CA ILE B 153 -9.78 -4.43 -21.32
C ILE B 153 -10.47 -3.47 -22.26
N PRO B 154 -11.21 -4.02 -23.25
CA PRO B 154 -11.86 -3.11 -24.18
C PRO B 154 -12.87 -2.20 -23.47
N MET B 155 -12.80 -0.90 -23.78
CA MET B 155 -13.58 0.12 -23.09
C MET B 155 -14.16 1.12 -24.09
N ARG B 156 -15.35 1.65 -23.79
CA ARG B 156 -15.99 2.63 -24.69
C ARG B 156 -15.30 3.96 -24.55
N ASP B 157 -14.68 4.16 -23.39
CA ASP B 157 -14.01 5.39 -23.07
C ASP B 157 -13.27 5.14 -21.80
N LEU B 158 -12.34 6.03 -21.50
CA LEU B 158 -11.82 6.07 -20.15
C LEU B 158 -12.89 6.69 -19.27
N VAL B 159 -12.76 6.47 -17.98
CA VAL B 159 -13.54 7.24 -17.07
C VAL B 159 -12.58 8.16 -16.31
N ALA B 160 -12.86 9.43 -16.35
CA ALA B 160 -12.07 10.40 -15.65
C ALA B 160 -13.01 10.99 -14.65
N ALA B 161 -12.46 11.45 -13.55
CA ALA B 161 -13.28 11.84 -12.42
C ALA B 161 -12.52 12.98 -11.75
N CYS B 162 -13.29 13.82 -11.09
CA CYS B 162 -12.82 14.97 -10.37
C CYS B 162 -13.97 15.47 -9.53
N ALA B 163 -13.64 16.08 -8.39
CA ALA B 163 -14.63 16.58 -7.48
C ALA B 163 -14.58 18.06 -7.57
N ALA B 164 -15.75 18.69 -7.50
CA ALA B 164 -15.77 20.12 -7.26
C ALA B 164 -16.50 20.27 -5.92
N GLY B 165 -16.55 21.46 -5.38
CA GLY B 165 -17.07 21.62 -4.03
C GLY B 165 -17.37 23.05 -3.72
N LYS B 166 -17.91 23.28 -2.53
CA LYS B 166 -18.21 24.64 -2.12
C LYS B 166 -17.38 24.94 -0.87
N ILE B 167 -16.57 25.99 -0.95
CA ILE B 167 -15.87 26.45 0.22
C ILE B 167 -16.05 27.95 0.35
N GLU B 168 -16.38 28.38 1.57
CA GLU B 168 -16.63 29.79 1.88
C GLU B 168 -17.50 30.43 0.83
N GLY B 169 -18.61 29.75 0.56
CA GLY B 169 -19.69 30.26 -0.26
C GLY B 169 -19.39 30.19 -1.74
N GLU B 170 -18.25 29.62 -2.08
CA GLU B 170 -17.79 29.60 -3.45
C GLU B 170 -17.51 28.25 -4.04
N ILE B 171 -17.97 28.08 -5.27
CA ILE B 171 -17.81 26.83 -5.98
C ILE B 171 -16.35 26.68 -6.40
N VAL B 172 -15.67 25.65 -5.92
CA VAL B 172 -14.27 25.47 -6.30
C VAL B 172 -14.01 24.07 -6.85
N LEU B 173 -12.85 23.92 -7.50
CA LEU B 173 -12.44 22.65 -8.08
C LEU B 173 -11.49 21.86 -7.19
N ASP B 174 -11.74 20.59 -7.05
CA ASP B 174 -10.72 19.67 -6.47
C ASP B 174 -10.31 20.11 -5.05
N LEU B 175 -11.24 19.95 -4.12
CA LEU B 175 -10.98 20.16 -2.67
C LEU B 175 -9.83 19.29 -2.16
N ASN B 176 -9.03 19.82 -1.26
CA ASN B 176 -8.13 19.02 -0.50
C ASN B 176 -8.87 18.63 0.79
N LYS B 177 -8.20 17.95 1.70
CA LYS B 177 -8.87 17.50 2.93
C LYS B 177 -9.43 18.63 3.79
N GLU B 178 -8.56 19.60 4.08
CA GLU B 178 -8.88 20.80 4.84
C GLU B 178 -10.14 21.44 4.27
N GLU B 179 -10.12 21.69 2.97
CA GLU B 179 -11.24 22.34 2.29
C GLU B 179 -12.49 21.49 2.37
N ASP B 180 -12.35 20.17 2.24
CA ASP B 180 -13.51 19.31 2.31
C ASP B 180 -14.05 19.24 3.74
N ASN B 181 -13.13 19.08 4.69
CA ASN B 181 -13.43 19.20 6.10
C ASN B 181 -14.22 20.44 6.49
N TYR B 182 -13.77 21.62 6.08
CA TYR B 182 -14.45 22.83 6.52
C TYR B 182 -15.37 23.38 5.44
N GLY B 183 -15.62 22.56 4.41
CA GLY B 183 -16.31 23.00 3.22
C GLY B 183 -17.82 22.86 3.35
N GLU B 184 -18.53 23.42 2.40
CA GLU B 184 -19.98 23.26 2.43
C GLU B 184 -20.57 22.15 1.56
N ALA B 185 -19.79 21.63 0.63
CA ALA B 185 -20.30 20.61 -0.30
C ALA B 185 -19.10 20.02 -0.96
N ASP B 186 -19.22 18.74 -1.35
CA ASP B 186 -18.22 18.07 -2.12
C ASP B 186 -19.07 17.36 -3.19
N VAL B 187 -18.62 17.49 -4.43
CA VAL B 187 -19.34 16.98 -5.62
C VAL B 187 -18.34 16.29 -6.53
N PRO B 188 -18.12 15.00 -6.27
CA PRO B 188 -17.36 14.20 -7.18
C PRO B 188 -18.20 13.83 -8.41
N VAL B 189 -17.54 13.81 -9.57
CA VAL B 189 -18.24 13.38 -10.77
C VAL B 189 -17.25 12.51 -11.46
N ALA B 190 -17.76 11.46 -12.09
CA ALA B 190 -16.95 10.77 -13.07
C ALA B 190 -17.68 10.83 -14.36
N ILE B 191 -16.91 10.97 -15.43
CA ILE B 191 -17.50 11.01 -16.74
C ILE B 191 -16.77 10.15 -17.72
N MET B 192 -17.47 9.71 -18.73
CA MET B 192 -16.83 9.20 -19.90
C MET B 192 -16.79 10.42 -20.82
N PRO B 193 -15.61 11.04 -20.98
CA PRO B 193 -15.51 12.37 -21.57
C PRO B 193 -15.99 12.45 -23.00
N LEU B 194 -15.67 11.44 -23.82
CA LEU B 194 -16.06 11.43 -25.22
C LEU B 194 -17.53 11.70 -25.43
N LYS B 195 -18.41 11.07 -24.67
CA LYS B 195 -19.84 11.34 -24.86
C LYS B 195 -20.45 12.17 -23.71
N ASN B 196 -19.60 12.70 -22.84
CA ASN B 196 -20.10 13.46 -21.69
C ASN B 196 -21.12 12.69 -20.89
N ASP B 197 -20.77 11.45 -20.58
CA ASP B 197 -21.70 10.55 -19.96
C ASP B 197 -21.26 10.48 -18.53
N ILE B 198 -22.13 10.89 -17.62
CA ILE B 198 -21.76 10.98 -16.22
C ILE B 198 -21.97 9.65 -15.54
N THR B 199 -20.89 9.00 -15.17
CA THR B 199 -21.04 7.66 -14.53
C THR B 199 -20.93 7.69 -13.07
N LEU B 200 -20.47 8.80 -12.53
CA LEU B 200 -20.54 8.92 -11.06
C LEU B 200 -21.01 10.30 -10.75
N LEU B 201 -21.98 10.41 -9.85
CA LEU B 201 -22.32 11.78 -9.39
C LEU B 201 -22.80 11.73 -7.98
N GLN B 202 -22.11 12.43 -7.10
CA GLN B 202 -22.47 12.44 -5.73
C GLN B 202 -22.35 13.86 -5.28
N MET B 203 -23.13 14.18 -4.26
CA MET B 203 -23.07 15.46 -3.63
C MET B 203 -23.29 15.25 -2.15
N ASP B 204 -22.30 15.69 -1.39
CA ASP B 204 -22.28 15.59 0.06
C ASP B 204 -22.22 17.03 0.46
N GLY B 205 -23.26 17.56 1.09
CA GLY B 205 -23.27 18.96 1.44
C GLY B 205 -24.65 19.55 1.32
N TYR B 206 -24.72 20.81 0.96
CA TYR B 206 -25.96 21.49 0.92
C TYR B 206 -25.77 22.56 -0.11
N LEU B 207 -26.44 22.45 -1.27
CA LEU B 207 -26.30 23.44 -2.34
C LEU B 207 -27.63 23.86 -2.88
N THR B 208 -27.68 25.01 -3.57
CA THR B 208 -28.82 25.40 -4.33
C THR B 208 -28.68 24.60 -5.60
N LYS B 209 -29.74 24.54 -6.39
CA LYS B 209 -29.75 23.87 -7.70
C LYS B 209 -28.63 24.42 -8.57
N ASP B 210 -28.51 25.75 -8.55
CA ASP B 210 -27.56 26.47 -9.37
C ASP B 210 -26.16 26.15 -8.91
N GLU B 211 -25.95 26.21 -7.59
CA GLU B 211 -24.65 25.81 -7.02
C GLU B 211 -24.29 24.42 -7.43
N PHE B 212 -25.21 23.48 -7.24
CA PHE B 212 -24.94 22.09 -7.55
C PHE B 212 -24.54 21.90 -9.00
N ILE B 213 -25.34 22.48 -9.90
CA ILE B 213 -25.07 22.35 -11.33
C ILE B 213 -23.70 22.95 -11.72
N GLU B 214 -23.38 24.15 -11.22
CA GLU B 214 -22.05 24.75 -11.46
C GLU B 214 -20.89 23.86 -10.92
N ALA B 215 -21.13 23.25 -9.78
CA ALA B 215 -20.15 22.29 -9.20
C ALA B 215 -19.95 21.16 -10.20
N VAL B 216 -21.05 20.56 -10.67
CA VAL B 216 -20.98 19.44 -11.63
C VAL B 216 -20.27 19.86 -12.92
N LYS B 217 -20.71 20.96 -13.53
CA LYS B 217 -20.01 21.47 -14.71
C LYS B 217 -18.55 21.71 -14.40
N LEU B 218 -18.22 22.38 -13.29
CA LEU B 218 -16.80 22.53 -12.91
C LEU B 218 -16.04 21.23 -12.74
N ALA B 219 -16.65 20.29 -12.05
CA ALA B 219 -16.02 19.01 -11.81
C ALA B 219 -15.69 18.25 -13.09
N ILE B 220 -16.57 18.39 -14.08
CA ILE B 220 -16.42 17.83 -15.42
C ILE B 220 -15.23 18.46 -16.14
N LYS B 221 -15.09 19.77 -16.06
CA LYS B 221 -13.93 20.42 -16.68
C LYS B 221 -12.68 19.86 -16.00
N GLY B 222 -12.80 19.58 -14.68
CA GLY B 222 -11.67 19.04 -13.97
C GLY B 222 -11.45 17.64 -14.48
N ALA B 223 -12.54 16.85 -14.59
CA ALA B 223 -12.48 15.47 -15.12
C ALA B 223 -11.92 15.45 -16.55
N LYS B 224 -12.28 16.42 -17.36
CA LYS B 224 -11.74 16.45 -18.68
C LYS B 224 -10.26 16.73 -18.65
N ALA B 225 -9.75 17.48 -17.66
CA ALA B 225 -8.31 17.77 -17.71
C ALA B 225 -7.56 16.55 -17.14
N VAL B 226 -8.22 15.80 -16.28
CA VAL B 226 -7.68 14.59 -15.72
C VAL B 226 -7.63 13.58 -16.88
N TYR B 227 -8.66 13.63 -17.72
CA TYR B 227 -8.74 12.73 -18.86
C TYR B 227 -7.59 12.98 -19.80
N GLN B 228 -7.22 14.23 -19.97
CA GLN B 228 -6.05 14.48 -20.82
C GLN B 228 -4.86 13.77 -20.22
N LYS B 229 -4.79 13.78 -18.89
CA LYS B 229 -3.63 13.23 -18.21
C LYS B 229 -3.65 11.70 -18.29
N GLN B 230 -4.83 11.11 -18.30
CA GLN B 230 -4.91 9.67 -18.48
C GLN B 230 -4.39 9.22 -19.82
N ARG B 231 -4.90 9.86 -20.87
CA ARG B 231 -4.51 9.60 -22.25
C ARG B 231 -3.00 9.71 -22.39
N GLU B 232 -2.45 10.74 -21.76
CA GLU B 232 -1.02 10.99 -21.80
C GLU B 232 -0.27 9.86 -21.07
N ALA B 233 -0.84 9.35 -19.98
CA ALA B 233 -0.30 8.20 -19.25
C ALA B 233 -0.34 6.94 -20.11
N LEU B 234 -1.40 6.80 -20.88
CA LEU B 234 -1.52 5.70 -21.82
C LEU B 234 -0.56 5.84 -23.01
N LYS B 235 -0.50 7.04 -23.60
CA LYS B 235 0.47 7.33 -24.63
C LYS B 235 1.85 6.94 -24.11
N GLU B 236 2.21 7.45 -22.94
CA GLU B 236 3.50 7.12 -22.31
C GLU B 236 3.81 5.63 -22.37
N LYS B 237 2.80 4.81 -22.08
CA LYS B 237 2.94 3.35 -22.02
C LYS B 237 3.14 2.76 -23.40
N TYR B 238 2.49 3.37 -24.39
CA TYR B 238 2.56 2.85 -25.75
C TYR B 238 3.84 3.29 -26.41
N LEU B 239 4.43 4.37 -25.91
CA LEU B 239 5.78 4.77 -26.31
C LEU B 239 6.81 3.80 -25.69
N LYS B 240 6.55 3.33 -24.47
CA LYS B 240 7.45 2.39 -23.81
C LYS B 240 7.55 1.03 -24.50
N ILE B 241 6.40 0.46 -24.87
CA ILE B 241 6.35 -0.76 -25.68
C ILE B 241 6.90 -0.58 -27.12
N ALA B 242 6.77 0.61 -27.70
CA ALA B 242 7.31 0.88 -29.04
C ALA B 242 8.84 0.75 -29.06
N GLN B 243 9.40 0.39 -27.92
CA GLN B 243 10.82 0.11 -27.78
C GLN B 243 11.07 -1.41 -27.64
N GLU B 244 11.80 -2.00 -28.59
CA GLU B 244 12.52 -1.29 -29.67
C GLU B 244 11.65 -1.04 -30.90
N ALA C 11 3.86 -24.22 -14.04
CA ALA C 11 2.96 -24.95 -13.10
C ALA C 11 3.32 -26.45 -13.05
N GLY C 12 4.34 -26.78 -12.25
CA GLY C 12 4.72 -28.20 -12.02
C GLY C 12 5.69 -28.75 -13.06
N ILE C 13 5.51 -28.21 -14.26
CA ILE C 13 6.51 -28.14 -15.31
C ILE C 13 7.68 -27.36 -14.76
N MET C 14 7.35 -26.43 -13.85
CA MET C 14 8.24 -25.43 -13.31
C MET C 14 9.13 -26.02 -12.26
N ARG C 15 8.59 -26.90 -11.42
CA ARG C 15 9.46 -27.59 -10.45
C ARG C 15 10.62 -28.25 -11.11
N ASP C 16 10.36 -28.98 -12.20
CA ASP C 16 11.39 -29.77 -12.81
C ASP C 16 12.43 -28.88 -13.39
N HIS C 17 12.01 -27.76 -13.96
CA HIS C 17 12.96 -26.87 -14.55
C HIS C 17 13.81 -26.21 -13.47
N ILE C 18 13.12 -25.69 -12.47
CA ILE C 18 13.79 -25.12 -11.29
C ILE C 18 14.71 -26.14 -10.58
N ILE C 19 14.26 -27.36 -10.29
CA ILE C 19 15.16 -28.32 -9.65
C ILE C 19 16.39 -28.60 -10.47
N ASN C 20 16.22 -28.79 -11.78
CA ASN C 20 17.30 -29.16 -12.64
C ASN C 20 18.28 -28.02 -12.78
N LEU C 21 17.78 -26.81 -12.97
CA LEU C 21 18.67 -25.67 -12.95
C LEU C 21 19.46 -25.65 -11.66
N LEU C 22 18.77 -25.89 -10.54
CA LEU C 22 19.43 -25.88 -9.24
C LEU C 22 20.56 -26.84 -9.18
N LYS C 23 20.35 -28.03 -9.76
CA LYS C 23 21.43 -29.05 -9.89
C LYS C 23 22.65 -28.53 -10.63
N GLU C 24 22.46 -27.54 -11.49
CA GLU C 24 23.54 -27.01 -12.28
C GLU C 24 24.04 -25.71 -11.66
N GLY C 25 23.60 -25.47 -10.42
CA GLY C 25 24.10 -24.38 -9.62
C GLY C 25 23.43 -23.12 -10.05
N LYS C 26 22.28 -23.26 -10.73
CA LYS C 26 21.66 -22.12 -11.37
C LYS C 26 20.27 -21.89 -10.89
N ARG C 27 19.83 -20.64 -10.96
CA ARG C 27 18.47 -20.27 -10.61
C ARG C 27 17.84 -19.66 -11.85
N ILE C 28 16.52 -19.61 -11.90
CA ILE C 28 15.89 -19.22 -13.14
C ILE C 28 16.29 -17.83 -13.60
N ASP C 29 16.66 -16.95 -12.68
CA ASP C 29 17.00 -15.58 -13.02
C ASP C 29 18.48 -15.32 -12.94
N ASP C 30 19.26 -16.40 -12.91
CA ASP C 30 20.70 -16.29 -12.97
C ASP C 30 21.34 -15.79 -11.69
N ARG C 31 20.56 -15.68 -10.64
CA ARG C 31 21.08 -15.36 -9.33
C ARG C 31 21.86 -16.53 -8.75
N GLY C 32 22.81 -16.22 -7.85
CA GLY C 32 23.54 -17.25 -7.10
C GLY C 32 22.59 -17.76 -6.02
N PHE C 33 22.96 -18.86 -5.36
CA PHE C 33 22.10 -19.42 -4.29
C PHE C 33 21.97 -18.46 -3.13
N GLU C 34 22.96 -17.58 -2.99
CA GLU C 34 22.99 -16.66 -1.85
C GLU C 34 22.68 -15.21 -2.22
N ASP C 35 22.20 -14.99 -3.44
CA ASP C 35 21.92 -13.65 -3.87
C ASP C 35 20.47 -13.25 -3.67
N TYR C 36 20.28 -12.03 -3.20
CA TYR C 36 18.97 -11.37 -3.25
C TYR C 36 18.76 -10.85 -4.62
N ARG C 37 17.49 -10.70 -5.00
CA ARG C 37 17.12 -10.02 -6.23
C ARG C 37 17.46 -8.59 -5.97
N PRO C 38 17.42 -7.72 -7.00
CA PRO C 38 17.74 -6.36 -6.67
C PRO C 38 16.81 -5.78 -5.63
N ILE C 39 17.37 -5.01 -4.70
CA ILE C 39 16.60 -4.48 -3.58
C ILE C 39 16.47 -3.01 -3.79
N GLU C 40 15.28 -2.49 -3.59
CA GLU C 40 15.05 -1.05 -3.57
C GLU C 40 14.40 -0.74 -2.24
N ILE C 41 15.00 0.16 -1.45
CA ILE C 41 14.37 0.59 -0.20
C ILE C 41 14.21 2.09 -0.33
N GLU C 42 13.00 2.56 -0.13
CA GLU C 42 12.77 3.98 -0.15
C GLU C 42 11.88 4.31 1.00
N VAL C 43 12.36 5.21 1.84
CA VAL C 43 11.80 5.45 3.15
C VAL C 43 11.08 6.79 3.16
N GLY C 44 10.02 6.92 3.93
CA GLY C 44 9.36 8.22 4.05
C GLY C 44 8.47 8.58 2.89
N VAL C 45 7.99 7.56 2.19
CA VAL C 45 7.20 7.72 0.98
C VAL C 45 5.73 8.11 1.29
N ILE C 46 5.22 7.72 2.46
CA ILE C 46 3.86 8.12 2.88
C ILE C 46 4.04 9.24 3.92
N GLU C 47 3.98 10.49 3.46
CA GLU C 47 4.50 11.57 4.28
C GLU C 47 3.53 11.89 5.43
N LYS C 48 2.28 11.51 5.24
CA LYS C 48 1.31 11.59 6.29
C LYS C 48 1.65 10.66 7.43
N ALA C 49 2.11 9.45 7.15
CA ALA C 49 2.50 8.55 8.21
C ALA C 49 3.72 9.13 8.94
N GLU C 50 3.99 8.56 10.11
CA GLU C 50 5.08 9.01 10.95
C GLU C 50 6.36 8.42 10.39
N GLY C 51 6.26 7.21 9.88
CA GLY C 51 7.36 6.60 9.15
C GLY C 51 6.79 5.72 8.08
N SER C 52 7.61 5.41 7.10
CA SER C 52 7.18 4.53 6.03
C SER C 52 8.35 3.99 5.25
N ALA C 53 8.16 2.88 4.54
CA ALA C 53 9.26 2.37 3.73
C ALA C 53 8.55 1.60 2.65
N LEU C 54 8.96 1.88 1.43
CA LEU C 54 8.58 1.04 0.29
C LEU C 54 9.80 0.15 0.04
N VAL C 55 9.63 -1.17 0.12
CA VAL C 55 10.69 -2.13 -0.19
C VAL C 55 10.33 -2.98 -1.38
N LYS C 56 11.27 -3.11 -2.33
CA LYS C 56 11.13 -4.01 -3.48
C LYS C 56 12.24 -5.01 -3.41
N LEU C 57 11.87 -6.30 -3.37
CA LEU C 57 12.80 -7.40 -3.57
C LEU C 57 12.45 -7.92 -4.95
N GLY C 58 13.23 -7.51 -5.96
CA GLY C 58 12.87 -7.74 -7.34
C GLY C 58 11.51 -7.08 -7.44
N SER C 59 10.52 -7.89 -7.83
CA SER C 59 9.22 -7.38 -8.14
C SER C 59 8.29 -7.47 -6.95
N THR C 60 8.72 -8.14 -5.87
CA THR C 60 7.95 -8.11 -4.65
C THR C 60 8.01 -6.70 -4.10
N GLN C 61 6.85 -6.11 -3.78
CA GLN C 61 6.87 -4.74 -3.23
C GLN C 61 6.04 -4.73 -2.02
N VAL C 62 6.55 -4.14 -0.95
CA VAL C 62 5.71 -4.01 0.20
C VAL C 62 5.88 -2.60 0.78
N LEU C 63 4.78 -2.00 1.20
CA LEU C 63 4.84 -0.70 1.83
C LEU C 63 4.55 -0.89 3.25
N VAL C 64 5.32 -0.25 4.10
CA VAL C 64 4.99 -0.25 5.52
C VAL C 64 4.84 1.15 5.96
N GLY C 65 3.78 1.38 6.73
CA GLY C 65 3.55 2.71 7.30
C GLY C 65 3.63 2.55 8.80
N ILE C 66 4.20 3.56 9.48
CA ILE C 66 4.24 3.60 10.93
C ILE C 66 3.36 4.70 11.35
N LYS C 67 2.37 4.40 12.17
CA LYS C 67 1.57 5.46 12.75
C LYS C 67 1.61 5.25 14.21
N THR C 68 1.76 6.35 14.96
CA THR C 68 1.84 6.29 16.40
C THR C 68 0.75 7.14 17.01
N SER C 69 0.26 6.74 18.18
CA SER C 69 -0.53 7.65 18.96
C SER C 69 -0.18 7.41 20.41
N LEU C 70 -0.93 8.04 21.30
CA LEU C 70 -0.71 7.85 22.68
C LEU C 70 -1.87 7.07 23.20
N GLY C 71 -1.59 6.08 24.01
CA GLY C 71 -2.65 5.29 24.59
C GLY C 71 -2.16 4.72 25.90
N GLU C 72 -3.01 3.93 26.54
CA GLU C 72 -2.66 3.25 27.77
C GLU C 72 -1.80 2.03 27.51
N PRO C 73 -0.85 1.73 28.40
CA PRO C 73 -0.13 0.48 28.16
C PRO C 73 -0.97 -0.74 28.59
N PHE C 74 -0.46 -1.93 28.33
CA PHE C 74 -1.15 -3.13 28.76
C PHE C 74 -0.96 -3.27 30.25
N PRO C 75 -2.04 -3.64 30.97
CA PRO C 75 -2.05 -3.74 32.43
C PRO C 75 -0.73 -4.30 32.97
N ASP C 76 -0.30 -5.40 32.37
CA ASP C 76 0.87 -6.19 32.77
C ASP C 76 2.19 -5.46 32.55
N THR C 77 2.20 -4.49 31.64
CA THR C 77 3.44 -3.79 31.27
C THR C 77 3.26 -2.28 31.24
N PRO C 78 3.13 -1.64 32.42
CA PRO C 78 2.82 -0.22 32.49
C PRO C 78 4.07 0.58 32.12
N ASN C 79 5.19 -0.13 31.98
CA ASN C 79 6.45 0.55 31.67
CA ASN C 79 6.52 0.40 31.73
C ASN C 79 6.92 0.36 30.26
N MET C 80 6.01 -0.04 29.40
CA MET C 80 6.36 -0.27 28.01
C MET C 80 5.37 0.37 27.09
N GLY C 81 5.88 1.01 26.06
CA GLY C 81 5.02 1.47 25.01
C GLY C 81 4.46 0.26 24.27
N VAL C 82 3.68 0.54 23.25
CA VAL C 82 2.94 -0.51 22.58
C VAL C 82 3.41 -0.61 21.15
N MET C 83 3.61 -1.85 20.72
CA MET C 83 3.86 -2.03 19.31
C MET C 83 2.99 -3.15 18.80
N THR C 84 2.43 -2.91 17.63
CA THR C 84 1.58 -3.88 17.02
C THR C 84 1.82 -3.94 15.52
N THR C 85 1.86 -5.16 14.98
CA THR C 85 2.23 -5.41 13.62
C THR C 85 1.11 -6.09 12.92
N ASN C 86 0.70 -5.50 11.82
CA ASN C 86 -0.34 -6.07 10.98
C ASN C 86 0.12 -6.12 9.59
N VAL C 87 -0.14 -7.26 8.93
CA VAL C 87 0.19 -7.41 7.50
C VAL C 87 -1.14 -7.60 6.78
N GLU C 88 -1.38 -6.72 5.82
CA GLU C 88 -2.42 -6.84 4.87
C GLU C 88 -1.86 -7.37 3.55
N LEU C 89 -2.33 -8.57 3.23
CA LEU C 89 -2.03 -9.24 1.95
C LEU C 89 -3.17 -8.77 1.06
N VAL C 90 -3.00 -7.58 0.45
CA VAL C 90 -4.11 -6.96 -0.19
C VAL C 90 -4.33 -7.69 -1.50
N PRO C 91 -5.58 -7.88 -1.87
CA PRO C 91 -5.96 -8.65 -3.03
C PRO C 91 -5.25 -8.16 -4.29
N LEU C 92 -4.89 -6.88 -4.32
CA LEU C 92 -4.22 -6.39 -5.51
C LEU C 92 -2.83 -6.92 -5.62
N ALA C 93 -2.27 -7.39 -4.52
CA ALA C 93 -0.90 -7.86 -4.57
C ALA C 93 -0.75 -9.24 -5.22
N SER C 94 -1.84 -10.01 -5.33
CA SER C 94 -1.69 -11.38 -5.75
C SER C 94 -3.03 -12.01 -5.93
N PRO C 95 -3.17 -12.81 -7.00
CA PRO C 95 -4.44 -13.46 -7.12
C PRO C 95 -4.71 -14.48 -6.02
N THR C 96 -3.67 -14.85 -5.27
CA THR C 96 -3.87 -15.72 -4.13
C THR C 96 -4.36 -14.96 -2.87
N PHE C 97 -4.48 -13.64 -2.97
CA PHE C 97 -4.78 -12.83 -1.77
C PHE C 97 -6.24 -12.50 -1.90
N GLU C 98 -7.04 -12.91 -0.95
CA GLU C 98 -8.45 -12.64 -1.05
C GLU C 98 -8.86 -11.57 -0.05
N PRO C 99 -9.93 -10.82 -0.35
CA PRO C 99 -10.29 -9.85 0.69
C PRO C 99 -10.70 -10.57 1.98
N GLY C 100 -10.54 -9.90 3.11
CA GLY C 100 -11.04 -10.44 4.38
C GLY C 100 -10.02 -10.25 5.48
N PRO C 101 -10.31 -10.76 6.68
CA PRO C 101 -9.36 -10.59 7.78
C PRO C 101 -8.04 -11.32 7.46
N PRO C 102 -6.91 -10.97 8.14
CA PRO C 102 -5.68 -11.71 7.81
C PRO C 102 -5.84 -13.22 7.88
N ASP C 103 -5.37 -13.90 6.85
CA ASP C 103 -5.37 -15.32 6.82
C ASP C 103 -4.06 -15.79 7.52
N GLU C 104 -3.86 -17.09 7.63
CA GLU C 104 -2.68 -17.58 8.35
C GLU C 104 -1.38 -17.09 7.76
N ARG C 105 -1.34 -16.84 6.47
CA ARG C 105 -0.06 -16.35 5.88
C ARG C 105 0.22 -14.97 6.40
N ALA C 106 -0.78 -14.11 6.44
CA ALA C 106 -0.58 -12.73 6.85
C ALA C 106 -0.24 -12.72 8.34
N ILE C 107 -0.91 -13.56 9.10
CA ILE C 107 -0.74 -13.65 10.51
C ILE C 107 0.66 -14.14 10.84
N GLU C 108 1.16 -15.14 10.11
CA GLU C 108 2.49 -15.62 10.43
C GLU C 108 3.54 -14.59 10.04
N LEU C 109 3.37 -13.91 8.90
CA LEU C 109 4.28 -12.84 8.49
C LEU C 109 4.31 -11.78 9.54
N ALA C 110 3.15 -11.30 9.97
CA ALA C 110 3.10 -10.25 11.02
C ALA C 110 3.82 -10.66 12.29
N ARG C 111 3.57 -11.88 12.72
CA ARG C 111 4.05 -12.29 14.00
C ARG C 111 5.54 -12.53 13.96
N VAL C 112 6.05 -13.09 12.89
CA VAL C 112 7.46 -13.40 12.83
C VAL C 112 8.23 -12.09 12.73
N ILE C 113 7.68 -11.11 12.01
CA ILE C 113 8.38 -9.87 11.82
C ILE C 113 8.28 -9.10 13.14
N ASP C 114 7.12 -9.18 13.78
CA ASP C 114 6.96 -8.51 15.04
C ASP C 114 7.99 -9.07 16.00
N ARG C 115 8.11 -10.39 16.00
CA ARG C 115 8.98 -11.04 16.96
C ARG C 115 10.38 -10.57 16.75
N GLY C 116 10.77 -10.45 15.47
CA GLY C 116 12.15 -10.04 15.13
C GLY C 116 12.48 -8.70 15.76
N ILE C 117 11.49 -7.82 15.78
CA ILE C 117 11.68 -6.46 16.29
C ILE C 117 11.47 -6.51 17.77
N ARG C 118 10.35 -7.06 18.24
CA ARG C 118 10.09 -7.10 19.62
C ARG C 118 11.23 -7.76 20.39
N GLU C 119 11.67 -8.91 19.96
CA GLU C 119 12.47 -9.72 20.86
C GLU C 119 13.90 -9.28 20.79
N SER C 120 14.21 -8.47 19.79
CA SER C 120 15.54 -7.89 19.77
C SER C 120 15.49 -6.54 20.48
N LYS C 121 14.29 -6.11 20.92
CA LYS C 121 14.06 -4.77 21.43
C LYS C 121 14.53 -3.70 20.46
N ALA C 122 14.39 -3.99 19.18
CA ALA C 122 14.80 -3.05 18.14
C ALA C 122 13.99 -1.79 18.28
N LEU C 123 12.72 -1.91 18.66
CA LEU C 123 11.97 -0.74 19.05
C LEU C 123 11.96 -0.87 20.54
N ASN C 124 12.65 0.05 21.20
CA ASN C 124 12.71 -0.04 22.63
C ASN C 124 11.44 0.52 23.30
N LEU C 125 10.54 -0.37 23.72
CA LEU C 125 9.23 0.01 24.23
C LEU C 125 9.31 0.73 25.54
N GLU C 126 10.42 0.52 26.23
CA GLU C 126 10.68 1.15 27.51
C GLU C 126 10.94 2.65 27.35
N LYS C 127 11.34 3.04 26.17
CA LYS C 127 11.63 4.42 25.87
C LYS C 127 10.43 5.06 25.20
N MET C 128 9.26 4.51 25.45
CA MET C 128 8.03 4.95 24.78
C MET C 128 6.95 5.20 25.80
N VAL C 129 7.39 5.35 27.05
CA VAL C 129 6.50 5.62 28.16
C VAL C 129 6.41 7.11 28.41
N ILE C 130 5.21 7.64 28.57
CA ILE C 130 5.05 9.05 28.91
C ILE C 130 4.66 9.18 30.37
N VAL C 131 3.62 8.46 30.78
CA VAL C 131 3.26 8.40 32.18
C VAL C 131 3.18 6.91 32.45
N PRO C 132 4.12 6.36 33.23
CA PRO C 132 4.09 4.92 33.52
C PRO C 132 2.70 4.42 33.92
N GLY C 133 2.24 3.35 33.29
CA GLY C 133 0.97 2.76 33.65
C GLY C 133 -0.25 3.46 33.11
N LYS C 134 -0.07 4.54 32.34
CA LYS C 134 -1.21 5.35 31.92
C LYS C 134 -1.13 5.88 30.50
N ILE C 135 0.04 6.32 30.06
CA ILE C 135 0.13 6.94 28.74
C ILE C 135 1.45 6.59 28.15
N VAL C 136 1.40 5.78 27.10
CA VAL C 136 2.56 5.37 26.37
C VAL C 136 2.35 5.63 24.88
N ARG C 137 3.44 5.66 24.16
CA ARG C 137 3.36 5.67 22.73
C ARG C 137 2.90 4.30 22.25
N VAL C 138 1.99 4.36 21.29
CA VAL C 138 1.45 3.18 20.62
C VAL C 138 1.90 3.25 19.19
N VAL C 139 2.62 2.23 18.76
CA VAL C 139 3.19 2.21 17.42
C VAL C 139 2.57 1.09 16.62
N PHE C 140 1.86 1.49 15.58
CA PHE C 140 1.31 0.56 14.59
C PHE C 140 2.25 0.38 13.39
N ILE C 141 2.68 -0.85 13.19
CA ILE C 141 3.45 -1.21 12.06
C ILE C 141 2.44 -1.81 11.10
N ASP C 142 2.09 -1.04 10.07
CA ASP C 142 1.03 -1.49 9.19
C ASP C 142 1.69 -1.83 7.86
N VAL C 143 1.56 -3.10 7.48
CA VAL C 143 2.33 -3.63 6.35
C VAL C 143 1.28 -3.87 5.31
N HIS C 144 1.43 -3.15 4.19
CA HIS C 144 0.60 -3.27 3.05
C HIS C 144 1.41 -3.94 1.94
N VAL C 145 1.15 -5.24 1.71
CA VAL C 145 1.95 -5.95 0.67
C VAL C 145 1.30 -5.51 -0.64
N LEU C 146 2.08 -4.91 -1.56
CA LEU C 146 1.54 -4.36 -2.80
C LEU C 146 1.73 -5.26 -4.02
N ASP C 147 2.69 -6.20 -3.98
CA ASP C 147 2.93 -7.07 -5.15
C ASP C 147 3.70 -8.21 -4.58
N HIS C 148 3.16 -9.41 -4.69
CA HIS C 148 3.75 -10.59 -4.10
C HIS C 148 4.47 -11.33 -5.22
N ASP C 149 5.80 -11.23 -5.21
CA ASP C 149 6.56 -12.01 -6.16
C ASP C 149 7.59 -12.80 -5.39
N GLY C 150 7.23 -13.15 -4.18
CA GLY C 150 8.04 -14.07 -3.40
C GLY C 150 8.78 -13.35 -2.31
N ASN C 151 9.14 -14.11 -1.28
CA ASN C 151 9.83 -13.55 -0.14
C ASN C 151 9.17 -12.35 0.54
N LEU C 152 7.86 -12.44 0.86
CA LEU C 152 7.23 -11.42 1.63
C LEU C 152 7.91 -11.24 2.97
N MET C 153 8.31 -12.32 3.63
CA MET C 153 8.84 -12.20 4.96
C MET C 153 9.99 -11.21 5.01
N ASP C 154 10.96 -11.35 4.12
CA ASP C 154 12.11 -10.46 4.22
C ASP C 154 11.74 -9.08 3.77
N ALA C 155 10.95 -9.00 2.72
CA ALA C 155 10.57 -7.69 2.20
C ALA C 155 9.80 -6.96 3.29
N ILE C 156 8.91 -7.66 4.03
CA ILE C 156 8.13 -7.02 5.06
C ILE C 156 9.00 -6.65 6.24
N GLY C 157 9.98 -7.49 6.63
CA GLY C 157 10.81 -7.11 7.76
C GLY C 157 11.75 -5.95 7.45
N ILE C 158 12.27 -5.94 6.23
CA ILE C 158 13.17 -4.86 5.78
C ILE C 158 12.37 -3.58 5.79
N ALA C 159 11.21 -3.61 5.15
CA ALA C 159 10.32 -2.43 5.15
C ALA C 159 9.96 -1.99 6.56
N ALA C 160 9.75 -2.96 7.48
CA ALA C 160 9.21 -2.62 8.82
C ALA C 160 10.30 -1.90 9.58
N ILE C 161 11.50 -2.44 9.56
CA ILE C 161 12.54 -1.81 10.33
C ILE C 161 12.97 -0.51 9.64
N ALA C 162 12.92 -0.48 8.32
CA ALA C 162 13.30 0.76 7.64
C ALA C 162 12.27 1.83 7.95
N ALA C 163 11.00 1.45 8.06
CA ALA C 163 9.95 2.45 8.31
C ALA C 163 10.11 2.97 9.75
N LEU C 164 10.44 2.07 10.69
CA LEU C 164 10.66 2.46 12.10
C LEU C 164 11.85 3.40 12.25
N LEU C 165 12.90 3.11 11.50
CA LEU C 165 14.07 3.98 11.46
C LEU C 165 13.71 5.31 10.85
N ASN C 166 12.79 5.31 9.89
CA ASN C 166 12.33 6.54 9.24
C ASN C 166 11.36 7.37 10.07
N ALA C 167 10.83 6.77 11.12
CA ALA C 167 9.70 7.32 11.80
C ALA C 167 10.17 8.51 12.58
N ARG C 168 9.37 9.54 12.49
CA ARG C 168 9.50 10.73 13.32
C ARG C 168 8.13 10.93 13.90
N VAL C 169 8.10 11.03 15.22
CA VAL C 169 6.88 11.03 15.99
C VAL C 169 6.91 12.34 16.81
N PRO C 170 5.71 12.88 17.12
CA PRO C 170 5.60 14.12 17.91
C PRO C 170 6.33 13.96 19.23
N LYS C 171 7.19 14.93 19.56
CA LYS C 171 7.73 15.03 20.91
C LYS C 171 6.56 15.20 21.86
N VAL C 172 6.61 14.49 22.96
CA VAL C 172 5.49 14.50 23.87
C VAL C 172 6.06 14.88 25.23
N ARG C 173 5.41 15.80 25.92
CA ARG C 173 5.84 16.06 27.28
C ARG C 173 4.71 16.02 28.27
N TYR C 174 4.99 15.28 29.36
CA TYR C 174 4.14 15.31 30.51
C TYR C 174 4.50 16.57 31.24
N ASN C 175 3.56 17.52 31.16
CA ASN C 175 3.54 18.72 31.99
C ASN C 175 3.28 18.37 33.47
N GLU C 176 4.34 18.55 34.31
CA GLU C 176 4.27 18.20 35.74
C GLU C 176 3.33 19.06 36.58
N GLU C 177 2.89 20.19 36.03
CA GLU C 177 2.07 21.16 36.77
C GLU C 177 0.59 21.07 36.46
N THR C 178 0.23 21.00 35.19
CA THR C 178 -1.18 20.82 34.83
C THR C 178 -1.56 19.34 34.90
N GLY C 179 -0.56 18.46 34.87
CA GLY C 179 -0.76 17.02 34.84
C GLY C 179 -1.18 16.49 33.46
N GLU C 180 -1.30 17.38 32.48
CA GLU C 180 -1.62 17.02 31.10
C GLU C 180 -0.39 16.59 30.32
N VAL C 181 -0.62 15.78 29.30
CA VAL C 181 0.39 15.46 28.32
C VAL C 181 0.23 16.43 27.17
N GLU C 182 1.33 17.03 26.73
CA GLU C 182 1.32 17.97 25.59
C GLU C 182 2.06 17.36 24.39
N THR C 183 1.38 17.28 23.26
CA THR C 183 1.98 16.82 22.01
C THR C 183 2.52 18.04 21.29
N LEU C 184 3.83 18.05 21.07
CA LEU C 184 4.51 19.16 20.42
C LEU C 184 4.60 18.92 18.91
N ASP C 185 4.94 19.97 18.17
CA ASP C 185 5.16 19.94 16.74
C ASP C 185 6.47 19.28 16.40
N GLU C 186 7.51 19.61 17.18
CA GLU C 186 8.82 18.98 17.08
C GLU C 186 8.65 17.47 17.15
N THR C 187 9.40 16.79 16.30
CA THR C 187 9.31 15.37 16.23
C THR C 187 10.65 14.81 16.67
N GLU C 188 10.70 13.51 16.87
CA GLU C 188 11.94 12.88 17.26
C GLU C 188 11.85 11.52 16.70
N PRO C 189 12.99 10.83 16.58
CA PRO C 189 12.85 9.45 16.12
C PRO C 189 12.23 8.58 17.19
N LEU C 190 11.92 7.35 16.80
CA LEU C 190 11.38 6.37 17.73
C LEU C 190 12.62 5.76 18.37
N PRO C 191 12.50 5.13 19.56
CA PRO C 191 13.80 4.64 20.04
C PRO C 191 14.17 3.33 19.35
N VAL C 192 14.69 3.44 18.12
CA VAL C 192 15.06 2.27 17.35
C VAL C 192 16.54 1.99 17.62
N GLU C 193 16.81 0.84 18.21
CA GLU C 193 18.14 0.58 18.69
C GLU C 193 18.86 -0.56 18.04
N LYS C 194 18.13 -1.40 17.31
CA LYS C 194 18.76 -2.51 16.63
C LYS C 194 18.13 -2.56 15.26
N ILE C 195 18.80 -3.23 14.32
CA ILE C 195 18.22 -3.35 12.99
C ILE C 195 18.07 -4.81 12.54
N PRO C 196 17.09 -5.53 13.12
CA PRO C 196 16.86 -6.91 12.74
C PRO C 196 16.36 -6.97 11.31
N VAL C 197 16.86 -7.96 10.57
CA VAL C 197 16.59 -8.13 9.15
C VAL C 197 16.27 -9.61 9.00
N PRO C 198 15.08 -9.95 8.48
CA PRO C 198 14.92 -11.41 8.29
C PRO C 198 15.62 -11.78 7.02
N VAL C 199 16.32 -12.91 7.07
CA VAL C 199 16.77 -13.48 5.83
C VAL C 199 16.12 -14.83 5.65
N THR C 200 15.58 -15.12 4.48
CA THR C 200 14.73 -16.28 4.29
C THR C 200 15.27 -17.15 3.18
N PHE C 201 15.30 -18.45 3.42
CA PHE C 201 15.79 -19.44 2.45
C PHE C 201 14.66 -20.37 2.07
N ALA C 202 14.61 -20.75 0.80
CA ALA C 202 13.73 -21.83 0.34
C ALA C 202 14.60 -23.07 0.26
N LYS C 203 14.13 -24.18 0.81
CA LYS C 203 14.78 -25.43 0.54
C LYS C 203 14.07 -26.04 -0.66
N ILE C 204 14.83 -26.26 -1.72
CA ILE C 204 14.35 -26.93 -2.94
C ILE C 204 15.22 -28.15 -3.18
N GLY C 205 14.64 -29.33 -3.01
CA GLY C 205 15.43 -30.55 -2.92
C GLY C 205 16.42 -30.43 -1.79
N ASN C 206 17.70 -30.61 -2.09
CA ASN C 206 18.72 -30.56 -1.05
C ASN C 206 19.48 -29.26 -1.04
N ILE C 207 18.85 -28.24 -1.59
CA ILE C 207 19.52 -26.98 -1.80
C ILE C 207 18.70 -25.85 -1.19
N LEU C 208 19.37 -25.00 -0.39
CA LEU C 208 18.76 -23.76 0.08
C LEU C 208 19.20 -22.60 -0.75
N VAL C 209 18.26 -21.72 -1.02
CA VAL C 209 18.47 -20.64 -1.95
C VAL C 209 17.84 -19.43 -1.21
N VAL C 210 18.60 -18.37 -1.05
CA VAL C 210 18.11 -17.24 -0.32
C VAL C 210 17.21 -16.38 -1.22
N ASP C 211 16.28 -15.69 -0.58
CA ASP C 211 15.36 -14.79 -1.26
C ASP C 211 14.67 -15.47 -2.44
N PRO C 212 13.76 -16.43 -2.15
CA PRO C 212 13.10 -17.24 -3.16
C PRO C 212 12.09 -16.33 -3.85
N SER C 213 12.05 -16.33 -5.16
CA SER C 213 11.00 -15.63 -5.90
C SER C 213 9.76 -16.50 -5.79
N LEU C 214 8.64 -16.02 -6.31
CA LEU C 214 7.37 -16.75 -6.24
C LEU C 214 7.53 -18.08 -6.95
N ASP C 215 8.18 -18.05 -8.12
CA ASP C 215 8.36 -19.28 -8.89
C ASP C 215 9.16 -20.29 -8.05
N GLU C 216 10.12 -19.82 -7.26
CA GLU C 216 10.84 -20.74 -6.37
C GLU C 216 9.97 -21.16 -5.19
N GLU C 217 9.19 -20.22 -4.64
CA GLU C 217 8.27 -20.60 -3.56
C GLU C 217 7.26 -21.59 -4.04
N LEU C 218 6.86 -21.48 -5.29
CA LEU C 218 5.93 -22.46 -5.85
C LEU C 218 6.46 -23.88 -5.84
N VAL C 219 7.77 -24.07 -5.94
CA VAL C 219 8.32 -25.39 -6.00
C VAL C 219 9.11 -25.80 -4.74
N MET C 220 9.21 -24.94 -3.74
CA MET C 220 10.07 -25.25 -2.63
C MET C 220 9.49 -26.37 -1.79
N ASP C 221 10.37 -27.01 -1.05
CA ASP C 221 9.95 -28.01 -0.12
C ASP C 221 9.54 -27.34 1.15
N GLY C 222 10.31 -26.34 1.55
CA GLY C 222 10.10 -25.70 2.84
C GLY C 222 10.91 -24.43 2.87
N LYS C 223 10.87 -23.72 3.99
CA LYS C 223 11.43 -22.39 4.01
C LYS C 223 11.83 -22.13 5.42
N ILE C 224 12.85 -21.31 5.61
CA ILE C 224 13.27 -20.99 6.96
C ILE C 224 13.71 -19.56 6.93
N THR C 225 13.28 -18.83 7.96
CA THR C 225 13.62 -17.43 8.09
C THR C 225 14.42 -17.29 9.35
N ILE C 226 15.59 -16.66 9.22
CA ILE C 226 16.46 -16.27 10.33
C ILE C 226 16.53 -14.77 10.39
N THR C 227 16.15 -14.19 11.51
CA THR C 227 16.22 -12.77 11.70
C THR C 227 17.29 -12.42 12.69
N THR C 228 18.21 -11.56 12.29
CA THR C 228 19.37 -11.27 13.09
C THR C 228 19.58 -9.77 13.12
N ASP C 229 20.24 -9.28 14.18
CA ASP C 229 20.60 -7.85 14.26
C ASP C 229 22.10 -7.62 14.13
N GLU C 230 22.51 -6.36 14.21
CA GLU C 230 23.91 -5.91 14.06
C GLU C 230 24.80 -6.53 15.11
N THR C 231 24.20 -7.09 16.16
CA THR C 231 24.96 -7.43 17.36
C THR C 231 25.28 -8.92 17.36
N GLY C 232 24.99 -9.60 16.27
CA GLY C 232 25.20 -11.01 16.20
C GLY C 232 24.14 -11.80 16.93
N HIS C 233 22.98 -11.22 17.12
CA HIS C 233 21.96 -12.00 17.80
C HIS C 233 20.86 -12.39 16.87
N ILE C 234 20.23 -13.53 17.16
CA ILE C 234 19.10 -13.99 16.41
C ILE C 234 17.90 -13.58 17.23
N SER C 235 16.96 -12.88 16.60
CA SER C 235 15.76 -12.46 17.34
C SER C 235 14.53 -13.19 16.87
N ALA C 236 14.63 -13.96 15.76
CA ALA C 236 13.54 -14.85 15.39
C ALA C 236 14.03 -15.87 14.43
N VAL C 237 13.38 -17.02 14.49
CA VAL C 237 13.57 -18.07 13.49
C VAL C 237 12.24 -18.64 13.26
N GLN C 238 11.95 -18.97 12.01
CA GLN C 238 10.73 -19.57 11.64
C GLN C 238 10.96 -20.40 10.39
N LYS C 239 11.02 -21.70 10.61
CA LYS C 239 10.79 -22.65 9.54
C LYS C 239 9.30 -22.48 9.24
N SER C 240 8.95 -22.25 7.96
CA SER C 240 7.60 -22.09 7.50
C SER C 240 7.28 -23.04 6.33
N GLU C 241 6.00 -23.28 6.10
CA GLU C 241 5.52 -24.25 5.09
C GLU C 241 6.03 -25.61 5.53
N GLY C 242 5.95 -26.59 4.62
CA GLY C 242 6.29 -27.96 4.96
C GLY C 242 7.77 -28.23 4.74
N GLY C 243 8.08 -29.45 4.34
CA GLY C 243 9.51 -29.81 4.22
C GLY C 243 10.17 -29.97 5.57
N ALA C 244 11.46 -30.26 5.52
CA ALA C 244 12.23 -30.58 6.66
C ALA C 244 13.62 -30.04 6.38
N PHE C 245 14.29 -29.60 7.43
CA PHE C 245 15.64 -29.12 7.28
C PHE C 245 16.53 -30.00 8.11
N LYS C 246 17.76 -30.15 7.67
CA LYS C 246 18.78 -30.80 8.44
C LYS C 246 19.35 -29.76 9.38
N LEU C 247 19.86 -30.22 10.52
CA LEU C 247 20.49 -29.33 11.49
C LEU C 247 21.63 -28.50 10.83
N GLU C 248 22.38 -29.14 9.94
CA GLU C 248 23.46 -28.47 9.25
C GLU C 248 22.93 -27.47 8.25
N GLU C 249 21.71 -27.65 7.76
CA GLU C 249 21.08 -26.63 6.89
C GLU C 249 20.68 -25.41 7.64
N VAL C 250 20.10 -25.61 8.81
CA VAL C 250 19.83 -24.51 9.75
C VAL C 250 21.07 -23.70 10.13
N MET C 251 22.09 -24.40 10.59
CA MET C 251 23.36 -23.77 10.90
C MET C 251 23.87 -22.92 9.72
N TYR C 252 23.87 -23.51 8.53
CA TYR C 252 24.17 -22.77 7.31
C TYR C 252 23.28 -21.55 7.14
N ALA C 253 21.96 -21.73 7.34
CA ALA C 253 21.02 -20.66 7.17
C ALA C 253 21.37 -19.52 8.16
N VAL C 254 21.69 -19.90 9.41
CA VAL C 254 21.89 -18.88 10.45
C VAL C 254 23.08 -18.05 10.04
N GLU C 255 24.14 -18.77 9.69
CA GLU C 255 25.35 -18.11 9.36
C GLU C 255 25.22 -17.20 8.12
N THR C 256 24.62 -17.73 7.07
CA THR C 256 24.40 -16.99 5.85
C THR C 256 23.45 -15.82 6.04
N ALA C 257 22.39 -15.99 6.85
CA ALA C 257 21.51 -14.93 7.31
C ALA C 257 22.26 -13.69 7.82
N PHE C 258 23.20 -13.92 8.74
CA PHE C 258 23.95 -12.84 9.39
C PHE C 258 24.70 -12.06 8.36
N LYS C 259 25.17 -12.78 7.34
CA LYS C 259 25.95 -12.19 6.28
C LYS C 259 25.04 -11.40 5.37
N LYS C 260 23.93 -12.00 4.98
CA LYS C 260 23.02 -11.32 4.09
C LYS C 260 22.33 -10.17 4.83
N ALA C 261 22.03 -10.39 6.11
CA ALA C 261 21.33 -9.34 6.91
C ALA C 261 22.24 -8.11 6.96
N GLU C 262 23.53 -8.34 7.09
CA GLU C 262 24.41 -7.22 7.20
C GLU C 262 24.47 -6.44 5.91
N GLU C 263 24.47 -7.15 4.77
CA GLU C 263 24.49 -6.49 3.46
C GLU C 263 23.18 -5.68 3.30
N ILE C 264 22.09 -6.22 3.83
CA ILE C 264 20.80 -5.55 3.77
C ILE C 264 20.73 -4.35 4.73
N ARG C 265 21.25 -4.52 5.94
CA ARG C 265 21.29 -3.40 6.92
C ARG C 265 21.95 -2.18 6.32
N LYS C 266 23.09 -2.38 5.66
CA LYS C 266 23.70 -1.27 4.96
C LYS C 266 22.75 -0.54 3.97
N LEU C 267 21.92 -1.28 3.24
CA LEU C 267 20.98 -0.67 2.31
C LEU C 267 19.88 0.09 3.04
N ILE C 268 19.35 -0.53 4.09
CA ILE C 268 18.44 0.13 4.99
C ILE C 268 18.99 1.43 5.56
N LEU C 269 20.21 1.41 6.10
CA LEU C 269 20.71 2.61 6.75
C LEU C 269 20.86 3.72 5.69
N GLU C 270 21.28 3.31 4.49
CA GLU C 270 21.52 4.21 3.35
C GLU C 270 20.18 4.88 2.95
N ALA C 271 19.14 4.08 2.81
CA ALA C 271 17.81 4.59 2.45
C ALA C 271 17.33 5.52 3.53
N VAL C 272 17.54 5.10 4.77
CA VAL C 272 17.07 5.87 5.92
C VAL C 272 17.77 7.23 5.92
N GLU C 273 19.09 7.20 5.78
CA GLU C 273 19.88 8.39 5.67
C GLU C 273 19.56 9.24 4.46
N LYS C 274 19.26 8.61 3.33
CA LYS C 274 18.94 9.39 2.11
C LYS C 274 17.70 10.27 2.32
N ALA C 275 16.69 9.75 3.02
CA ALA C 275 15.43 10.50 3.18
C ALA C 275 15.56 11.72 4.07
N LYS C 276 16.63 11.75 4.88
CA LYS C 276 17.01 12.94 5.63
C LYS C 276 17.79 13.97 4.78
N GLN C 277 18.18 13.63 3.55
CA GLN C 277 19.02 14.55 2.70
C GLN C 277 18.34 15.88 2.41
C1 MPD D . -20.47 19.46 4.12
C2 MPD D . -19.26 18.56 3.84
O2 MPD D . -18.20 18.95 4.75
CM MPD D . -18.68 18.74 2.44
C3 MPD D . -19.62 17.10 4.14
C4 MPD D . -19.05 16.66 5.49
O4 MPD D . -17.63 16.71 5.51
C5 MPD D . -19.54 15.27 5.89
C1 MPD E . 3.82 3.04 -7.54
C2 MPD E . 4.67 2.19 -6.58
O2 MPD E . 5.66 3.09 -5.98
CM MPD E . 3.81 1.72 -5.41
C3 MPD E . 5.30 0.96 -7.28
C4 MPD E . 6.34 1.10 -8.42
O4 MPD E . 6.15 0.10 -9.42
C5 MPD E . 6.46 2.48 -9.11
C1 MPD F . 19.70 1.33 15.40
C2 MPD F . 21.04 2.03 15.26
O2 MPD F . 22.00 0.97 15.08
CM MPD F . 21.51 2.68 16.56
C3 MPD F . 21.09 2.89 13.99
C4 MPD F . 20.48 4.30 13.92
O4 MPD F . 20.04 4.49 12.59
C5 MPD F . 19.34 4.65 14.90
C1 MPD G . 23.64 -27.43 0.80
C2 MPD G . 23.22 -26.05 1.30
O2 MPD G . 24.41 -25.41 1.80
CM MPD G . 22.25 -26.17 2.47
C3 MPD G . 22.59 -25.21 0.16
C4 MPD G . 23.64 -24.26 -0.46
O4 MPD G . 23.00 -23.08 -0.95
C5 MPD G . 24.52 -24.94 -1.51
C1 MPD H . 30.71 -14.25 6.83
C2 MPD H . 30.80 -12.87 7.49
O2 MPD H . 31.23 -13.06 8.86
CM MPD H . 29.44 -12.18 7.60
C3 MPD H . 31.86 -12.03 6.77
C4 MPD H . 31.95 -12.17 5.26
O4 MPD H . 30.66 -12.21 4.68
C5 MPD H . 32.68 -10.97 4.70
#